data_2PGE
#
_entry.id   2PGE
#
_cell.length_a   59.130
_cell.length_b   82.784
_cell.length_c   89.578
_cell.angle_alpha   90.00
_cell.angle_beta   90.00
_cell.angle_gamma   90.00
#
_symmetry.space_group_name_H-M   'P 21 21 21'
#
loop_
_entity.id
_entity.type
_entity.pdbx_description
1 polymer MenC
2 water water
#
_entity_poly.entity_id   1
_entity_poly.type   'polypeptide(L)'
_entity_poly.pdbx_seq_one_letter_code
;SLSGMELSYRRSDLIFKRPAGTSRGVLTSKPTWFVRLDIDGHGGQGEVSLIPGLSLDPEEQIGRELDLLARRLRAEEPIR
LRQFLAERGGADFSDYRSVLTDIAGILDSWQVSTDGRFPALRFALEMALLDLLSGGRQEWFASDFTRGEKRIPVNGLIWM
GEAAFMQEQIEAKLAEGYGCLKLKIGAIDFDKECALLAGIRESFSPQQLEIRVDANGAFSPANAPQRLKRLSQFHLHSIE
QPIRQHQWSEMAALCANSPLAIALDEELIGLGAEQRSAMLDAIRPQYIILKPSLLGGFHYAGQWIELARERGIGFWITSA
LESNLGLAAIAQWTALYQPTMPQGLGTGQLYTNNLPSNLAVDGGLLGVSEGHHHHHH
;
_entity_poly.pdbx_strand_id   A
#
# COMPACT_ATOMS: atom_id res chain seq x y z
N SER A 3 28.65 -8.63 -21.15
CA SER A 3 29.24 -7.93 -19.97
C SER A 3 28.23 -7.72 -18.85
N GLY A 4 27.10 -7.11 -19.18
CA GLY A 4 26.08 -6.82 -18.18
C GLY A 4 24.89 -7.73 -18.13
N MET A 5 23.73 -7.12 -17.86
CA MET A 5 22.47 -7.84 -17.76
C MET A 5 21.42 -7.07 -18.55
N GLU A 6 20.19 -7.57 -18.55
CA GLU A 6 19.16 -6.93 -19.34
C GLU A 6 17.94 -6.49 -18.56
N LEU A 7 17.54 -5.25 -18.78
CA LEU A 7 16.35 -4.70 -18.17
C LEU A 7 15.39 -4.48 -19.35
N SER A 8 14.20 -5.06 -19.28
CA SER A 8 13.19 -4.86 -20.33
C SER A 8 11.92 -4.36 -19.67
N TYR A 9 11.06 -3.70 -20.43
CA TYR A 9 9.82 -3.19 -19.85
C TYR A 9 8.80 -2.95 -20.93
N ARG A 10 7.55 -2.82 -20.52
CA ARG A 10 6.44 -2.56 -21.43
C ARG A 10 5.42 -1.72 -20.72
N ARG A 11 5.03 -0.60 -21.31
CA ARG A 11 3.99 0.22 -20.69
C ARG A 11 2.68 -0.42 -21.09
N SER A 12 1.81 -0.61 -20.11
CA SER A 12 0.52 -1.21 -20.35
C SER A 12 -0.43 -0.64 -19.31
N ASP A 13 -0.87 0.60 -19.54
CA ASP A 13 -1.76 1.25 -18.59
C ASP A 13 -3.01 0.43 -18.29
N LEU A 14 -3.41 0.39 -17.02
CA LEU A 14 -4.59 -0.35 -16.63
C LEU A 14 -5.79 0.52 -16.91
N ILE A 15 -6.76 -0.03 -17.63
CA ILE A 15 -7.96 0.70 -18.01
C ILE A 15 -9.10 0.46 -17.02
N PHE A 16 -9.65 1.56 -16.50
CA PHE A 16 -10.74 1.43 -15.54
C PHE A 16 -12.00 0.90 -16.19
N LYS A 17 -12.63 -0.05 -15.52
CA LYS A 17 -13.87 -0.64 -16.01
C LYS A 17 -14.98 0.39 -16.12
N ARG A 18 -15.77 0.26 -17.18
CA ARG A 18 -16.90 1.14 -17.44
C ARG A 18 -17.98 0.90 -16.40
N VAL A 26 -16.12 7.70 -22.86
CA VAL A 26 -14.67 7.62 -23.05
C VAL A 26 -14.02 6.81 -21.93
N LEU A 27 -12.98 6.05 -22.26
CA LEU A 27 -12.30 5.24 -21.27
C LEU A 27 -11.15 5.95 -20.58
N THR A 28 -10.93 5.61 -19.31
CA THR A 28 -9.86 6.23 -18.53
C THR A 28 -8.93 5.14 -18.04
N SER A 29 -7.67 5.53 -17.81
CA SER A 29 -6.68 4.55 -17.38
C SER A 29 -5.69 5.11 -16.38
N LYS A 30 -4.83 4.24 -15.87
CA LYS A 30 -3.82 4.60 -14.89
C LYS A 30 -2.44 4.15 -15.39
N PRO A 31 -1.45 5.05 -15.35
CA PRO A 31 -0.11 4.71 -15.83
C PRO A 31 0.53 3.52 -15.13
N THR A 32 0.95 2.52 -15.91
CA THR A 32 1.62 1.38 -15.31
C THR A 32 2.55 0.73 -16.30
N TRP A 33 3.72 0.35 -15.80
CA TRP A 33 4.75 -0.30 -16.60
C TRP A 33 5.11 -1.62 -15.96
N PHE A 34 5.41 -2.60 -16.79
CA PHE A 34 5.82 -3.90 -16.28
C PHE A 34 7.29 -4.03 -16.64
N VAL A 35 8.10 -4.26 -15.61
CA VAL A 35 9.54 -4.36 -15.76
C VAL A 35 10.06 -5.75 -15.48
N ARG A 36 11.15 -6.11 -16.16
CA ARG A 36 11.77 -7.41 -15.99
C ARG A 36 13.29 -7.32 -15.98
N LEU A 37 13.93 -8.03 -15.06
CA LEU A 37 15.38 -8.07 -14.99
C LEU A 37 15.77 -9.50 -15.35
N ASP A 38 16.79 -9.64 -16.20
CA ASP A 38 17.26 -10.96 -16.63
C ASP A 38 18.77 -11.05 -16.48
N ILE A 39 19.23 -12.12 -15.86
CA ILE A 39 20.66 -12.34 -15.66
C ILE A 39 20.93 -13.81 -15.39
N ASP A 40 21.95 -14.32 -16.05
CA ASP A 40 22.36 -15.71 -15.89
C ASP A 40 21.26 -16.75 -16.00
N GLY A 41 20.35 -16.54 -16.96
CA GLY A 41 19.28 -17.49 -17.21
C GLY A 41 18.03 -17.41 -16.37
N HIS A 42 17.94 -16.41 -15.50
CA HIS A 42 16.78 -16.26 -14.64
C HIS A 42 16.24 -14.84 -14.72
N GLY A 43 14.95 -14.67 -14.43
CA GLY A 43 14.39 -13.33 -14.50
C GLY A 43 13.53 -12.99 -13.30
N GLY A 44 13.22 -11.71 -13.16
CA GLY A 44 12.38 -11.25 -12.06
C GLY A 44 11.49 -10.14 -12.58
N GLN A 45 10.25 -10.08 -12.09
CA GLN A 45 9.28 -9.07 -12.53
C GLN A 45 8.88 -8.04 -11.48
N GLY A 46 8.59 -6.83 -11.94
CA GLY A 46 8.15 -5.75 -11.06
C GLY A 46 7.12 -4.89 -11.77
N GLU A 47 6.45 -4.00 -11.04
CA GLU A 47 5.42 -3.15 -11.61
C GLU A 47 5.59 -1.70 -11.18
N VAL A 48 5.61 -0.79 -12.14
CA VAL A 48 5.69 0.63 -11.85
C VAL A 48 4.23 1.09 -11.89
N SER A 49 3.71 1.51 -10.75
CA SER A 49 2.31 1.93 -10.66
C SER A 49 2.19 3.38 -10.20
N LEU A 50 1.56 4.20 -11.03
CA LEU A 50 1.38 5.61 -10.69
C LEU A 50 -0.09 5.95 -10.48
N ILE A 51 -0.33 6.90 -9.59
CA ILE A 51 -1.67 7.39 -9.34
C ILE A 51 -1.54 8.87 -9.55
N PRO A 52 -1.85 9.34 -10.77
CA PRO A 52 -1.73 10.77 -11.05
C PRO A 52 -2.37 11.64 -9.97
N GLY A 53 -1.65 12.66 -9.55
CA GLY A 53 -2.16 13.56 -8.52
C GLY A 53 -1.78 13.13 -7.12
N LEU A 54 -1.24 11.92 -6.98
CA LEU A 54 -0.86 11.38 -5.68
C LEU A 54 0.59 10.91 -5.68
N SER A 55 0.94 10.02 -6.61
CA SER A 55 2.31 9.50 -6.72
C SER A 55 3.29 10.65 -7.01
N LEU A 56 4.48 10.59 -6.43
CA LEU A 56 5.50 11.62 -6.63
C LEU A 56 6.19 11.53 -8.00
N ASP A 57 6.31 10.32 -8.52
CA ASP A 57 6.98 10.10 -9.81
C ASP A 57 6.39 10.85 -10.99
N PRO A 58 7.20 11.65 -11.70
CA PRO A 58 6.68 12.38 -12.87
C PRO A 58 6.41 11.38 -13.98
N GLU A 59 5.14 11.22 -14.32
CA GLU A 59 4.70 10.28 -15.35
C GLU A 59 5.49 10.37 -16.65
N GLU A 60 5.73 11.59 -17.10
CA GLU A 60 6.43 11.83 -18.36
C GLU A 60 7.90 11.47 -18.35
N GLN A 61 8.44 11.08 -17.21
CA GLN A 61 9.86 10.72 -17.12
C GLN A 61 10.13 9.26 -16.80
N ILE A 62 9.10 8.50 -16.48
CA ILE A 62 9.32 7.09 -16.15
C ILE A 62 10.01 6.35 -17.29
N GLY A 63 9.53 6.57 -18.51
CA GLY A 63 10.11 5.89 -19.65
C GLY A 63 11.60 6.14 -19.80
N ARG A 64 12.03 7.39 -19.69
CA ARG A 64 13.43 7.72 -19.82
C ARG A 64 14.26 7.16 -18.67
N GLU A 65 13.67 7.14 -17.48
CA GLU A 65 14.38 6.61 -16.34
C GLU A 65 14.65 5.13 -16.59
N LEU A 66 13.66 4.43 -17.16
CA LEU A 66 13.82 3.01 -17.46
C LEU A 66 14.86 2.81 -18.57
N ASP A 67 14.84 3.65 -19.58
CA ASP A 67 15.82 3.54 -20.65
C ASP A 67 17.23 3.84 -20.16
N LEU A 68 17.36 4.81 -19.27
CA LEU A 68 18.67 5.15 -18.71
C LEU A 68 19.23 4.00 -17.87
N LEU A 69 18.34 3.33 -17.13
CA LEU A 69 18.76 2.20 -16.31
C LEU A 69 19.16 1.03 -17.17
N ALA A 70 18.39 0.77 -18.22
CA ALA A 70 18.71 -0.33 -19.12
C ALA A 70 20.10 -0.12 -19.71
N ARG A 71 20.41 1.11 -20.07
CA ARG A 71 21.72 1.41 -20.64
C ARG A 71 22.83 1.16 -19.63
N ARG A 72 22.59 1.60 -18.40
CA ARG A 72 23.56 1.43 -17.33
C ARG A 72 23.80 -0.04 -17.02
N LEU A 73 22.73 -0.81 -16.92
CA LEU A 73 22.86 -2.22 -16.61
C LEU A 73 23.54 -3.04 -17.69
N ARG A 74 23.47 -2.59 -18.94
CA ARG A 74 24.09 -3.31 -20.04
C ARG A 74 25.58 -3.02 -20.07
N ALA A 75 25.96 -1.86 -19.54
CA ALA A 75 27.34 -1.41 -19.56
C ALA A 75 28.26 -1.87 -18.44
N GLU A 76 27.71 -2.38 -17.34
CA GLU A 76 28.56 -2.80 -16.23
C GLU A 76 28.41 -4.26 -15.86
N GLU A 77 29.47 -4.84 -15.32
CA GLU A 77 29.46 -6.23 -14.89
C GLU A 77 28.66 -6.24 -13.60
N PRO A 78 27.60 -7.06 -13.53
CA PRO A 78 26.76 -7.14 -12.33
C PRO A 78 27.41 -7.91 -11.20
N ILE A 79 28.59 -7.47 -10.80
CA ILE A 79 29.33 -8.14 -9.74
C ILE A 79 28.60 -8.15 -8.40
N ARG A 80 28.14 -6.99 -7.95
CA ARG A 80 27.43 -6.92 -6.69
C ARG A 80 26.12 -7.71 -6.71
N LEU A 81 25.39 -7.64 -7.82
CA LEU A 81 24.13 -8.36 -7.91
C LEU A 81 24.36 -9.86 -7.86
N ARG A 82 25.38 -10.33 -8.57
CA ARG A 82 25.67 -11.75 -8.56
C ARG A 82 26.02 -12.24 -7.18
N GLN A 83 26.75 -11.44 -6.42
CA GLN A 83 27.12 -11.82 -5.06
C GLN A 83 25.86 -11.87 -4.19
N PHE A 84 24.97 -10.91 -4.39
CA PHE A 84 23.71 -10.87 -3.65
C PHE A 84 22.89 -12.14 -3.91
N LEU A 85 22.73 -12.47 -5.19
CA LEU A 85 21.95 -13.65 -5.56
C LEU A 85 22.51 -14.93 -4.97
N ALA A 86 23.84 -15.03 -4.93
CA ALA A 86 24.45 -16.23 -4.37
C ALA A 86 24.30 -16.26 -2.84
N GLU A 87 24.72 -15.18 -2.17
CA GLU A 87 24.65 -15.09 -0.72
C GLU A 87 23.27 -15.24 -0.11
N ARG A 88 22.25 -14.70 -0.77
CA ARG A 88 20.91 -14.77 -0.23
C ARG A 88 20.06 -15.86 -0.86
N GLY A 89 20.69 -16.69 -1.70
CA GLY A 89 19.97 -17.75 -2.37
C GLY A 89 19.23 -18.69 -1.43
N GLY A 90 19.79 -18.90 -0.25
CA GLY A 90 19.15 -19.76 0.72
C GLY A 90 17.90 -19.08 1.26
N ALA A 91 18.08 -18.01 2.03
CA ALA A 91 16.96 -17.25 2.59
C ALA A 91 16.38 -17.84 3.87
N ASP A 92 16.51 -19.16 4.03
CA ASP A 92 16.04 -19.82 5.24
C ASP A 92 16.91 -19.20 6.31
N PHE A 93 18.18 -19.06 5.95
CA PHE A 93 19.19 -18.50 6.85
C PHE A 93 19.37 -16.99 6.64
N SER A 94 18.29 -16.30 6.28
CA SER A 94 18.36 -14.86 6.05
C SER A 94 16.99 -14.18 6.18
N ASP A 95 16.93 -13.11 6.96
CA ASP A 95 15.66 -12.40 7.19
C ASP A 95 15.30 -11.53 6.00
N TYR A 96 14.01 -11.33 5.77
CA TYR A 96 13.62 -10.49 4.66
C TYR A 96 14.03 -9.04 4.81
N ARG A 97 14.21 -8.59 6.06
CA ARG A 97 14.62 -7.22 6.32
C ARG A 97 16.05 -7.05 5.80
N SER A 98 16.85 -8.09 5.98
CA SER A 98 18.24 -8.09 5.53
C SER A 98 18.29 -8.14 4.01
N VAL A 99 17.43 -8.97 3.42
CA VAL A 99 17.38 -9.08 1.98
C VAL A 99 16.99 -7.73 1.37
N LEU A 100 15.99 -7.09 1.96
CA LEU A 100 15.54 -5.80 1.46
C LEU A 100 16.63 -4.74 1.62
N THR A 101 17.43 -4.86 2.65
CA THR A 101 18.50 -3.90 2.87
C THR A 101 19.55 -4.07 1.75
N ASP A 102 19.86 -5.32 1.42
CA ASP A 102 20.85 -5.58 0.37
C ASP A 102 20.31 -5.08 -0.95
N ILE A 103 19.02 -5.29 -1.19
CA ILE A 103 18.43 -4.82 -2.43
C ILE A 103 18.51 -3.30 -2.50
N ALA A 104 18.26 -2.60 -1.39
CA ALA A 104 18.34 -1.15 -1.41
C ALA A 104 19.75 -0.71 -1.78
N GLY A 105 20.75 -1.49 -1.35
CA GLY A 105 22.12 -1.15 -1.67
C GLY A 105 22.37 -1.22 -3.16
N ILE A 106 21.79 -2.24 -3.78
CA ILE A 106 21.94 -2.41 -5.22
C ILE A 106 21.20 -1.31 -5.96
N LEU A 107 19.99 -1.00 -5.52
CA LEU A 107 19.22 0.04 -6.17
C LEU A 107 19.91 1.39 -6.05
N ASP A 108 20.59 1.61 -4.93
CA ASP A 108 21.33 2.85 -4.73
C ASP A 108 22.48 2.90 -5.73
N SER A 109 23.16 1.78 -5.89
CA SER A 109 24.28 1.71 -6.82
C SER A 109 23.80 1.90 -8.27
N TRP A 110 22.55 1.55 -8.53
CA TRP A 110 21.99 1.71 -9.88
C TRP A 110 21.40 3.10 -10.03
N GLN A 111 21.56 3.93 -8.99
CA GLN A 111 21.06 5.29 -8.99
C GLN A 111 19.56 5.36 -9.22
N VAL A 112 18.82 4.44 -8.59
CA VAL A 112 17.38 4.42 -8.73
C VAL A 112 16.73 5.21 -7.60
N SER A 113 16.08 6.33 -7.95
CA SER A 113 15.40 7.15 -6.96
C SER A 113 16.22 7.39 -5.69
N THR A 114 17.50 7.74 -5.85
CA THR A 114 18.36 7.97 -4.69
C THR A 114 18.01 9.25 -3.94
N ASP A 115 17.14 10.07 -4.51
CA ASP A 115 16.71 11.30 -3.85
C ASP A 115 15.24 11.17 -3.48
N GLY A 116 14.70 9.97 -3.63
CA GLY A 116 13.31 9.70 -3.30
C GLY A 116 12.27 10.29 -4.24
N ARG A 117 12.69 10.76 -5.41
CA ARG A 117 11.78 11.38 -6.38
C ARG A 117 10.99 10.40 -7.27
N PHE A 118 11.43 9.15 -7.32
CA PHE A 118 10.76 8.14 -8.14
C PHE A 118 10.45 6.90 -7.30
N PRO A 119 9.56 7.04 -6.32
CA PRO A 119 9.18 5.93 -5.44
C PRO A 119 8.59 4.71 -6.13
N ALA A 120 7.78 4.93 -7.14
CA ALA A 120 7.14 3.82 -7.84
C ALA A 120 8.19 3.02 -8.61
N LEU A 121 9.16 3.72 -9.16
CA LEU A 121 10.21 3.06 -9.91
C LEU A 121 11.05 2.25 -8.93
N ARG A 122 11.33 2.83 -7.77
CA ARG A 122 12.12 2.15 -6.76
C ARG A 122 11.42 0.85 -6.37
N PHE A 123 10.11 0.93 -6.16
CA PHE A 123 9.31 -0.22 -5.78
C PHE A 123 9.29 -1.31 -6.87
N ALA A 124 9.12 -0.88 -8.12
CA ALA A 124 9.08 -1.81 -9.24
C ALA A 124 10.38 -2.61 -9.37
N LEU A 125 11.50 -1.94 -9.18
CA LEU A 125 12.80 -2.59 -9.30
C LEU A 125 13.11 -3.47 -8.09
N GLU A 126 12.56 -3.08 -6.94
CA GLU A 126 12.76 -3.87 -5.73
C GLU A 126 11.99 -5.18 -5.95
N MET A 127 10.77 -5.06 -6.50
CA MET A 127 9.94 -6.22 -6.80
C MET A 127 10.69 -7.15 -7.75
N ALA A 128 11.26 -6.58 -8.80
CA ALA A 128 11.97 -7.38 -9.79
C ALA A 128 13.15 -8.14 -9.17
N LEU A 129 13.88 -7.49 -8.27
CA LEU A 129 15.03 -8.15 -7.64
C LEU A 129 14.60 -9.25 -6.69
N LEU A 130 13.48 -9.04 -6.00
CA LEU A 130 12.97 -10.06 -5.07
C LEU A 130 12.52 -11.29 -5.84
N ASP A 131 11.87 -11.07 -6.98
CA ASP A 131 11.36 -12.15 -7.81
C ASP A 131 12.56 -12.87 -8.46
N LEU A 132 13.56 -12.11 -8.86
CA LEU A 132 14.75 -12.70 -9.47
C LEU A 132 15.46 -13.60 -8.46
N LEU A 133 15.60 -13.12 -7.23
CA LEU A 133 16.28 -13.87 -6.17
C LEU A 133 15.65 -15.26 -5.92
N SER A 134 14.32 -15.31 -5.86
CA SER A 134 13.63 -16.57 -5.58
C SER A 134 13.28 -17.47 -6.76
N GLY A 135 13.63 -17.07 -7.97
CA GLY A 135 13.35 -17.96 -9.09
C GLY A 135 12.45 -17.50 -10.23
N GLY A 136 11.90 -16.29 -10.14
CA GLY A 136 11.04 -15.82 -11.20
C GLY A 136 9.70 -16.56 -11.24
N ARG A 137 9.22 -16.94 -10.06
CA ARG A 137 7.95 -17.66 -9.94
C ARG A 137 6.91 -16.77 -9.26
N GLN A 138 7.20 -15.48 -9.19
CA GLN A 138 6.28 -14.54 -8.54
C GLN A 138 6.10 -14.88 -7.07
N GLU A 139 7.19 -15.25 -6.43
CA GLU A 139 7.21 -15.57 -5.01
C GLU A 139 8.17 -14.54 -4.41
N TRP A 140 7.70 -13.29 -4.34
CA TRP A 140 8.52 -12.22 -3.78
C TRP A 140 8.91 -12.54 -2.34
N PHE A 141 7.94 -13.01 -1.56
CA PHE A 141 8.20 -13.40 -0.15
C PHE A 141 7.50 -14.72 0.12
N ALA A 142 8.25 -15.80 0.27
CA ALA A 142 7.64 -17.08 0.54
C ALA A 142 7.20 -17.21 2.01
N SER A 143 6.07 -17.86 2.24
CA SER A 143 5.56 -18.05 3.59
C SER A 143 4.36 -18.96 3.56
N ASP A 144 3.77 -19.20 4.72
CA ASP A 144 2.60 -20.06 4.76
C ASP A 144 1.54 -19.49 3.80
N PHE A 145 1.53 -18.17 3.63
CA PHE A 145 0.58 -17.53 2.74
C PHE A 145 0.74 -18.03 1.30
N THR A 146 1.96 -17.97 0.78
CA THR A 146 2.16 -18.41 -0.60
C THR A 146 1.92 -19.92 -0.74
N ARG A 147 1.99 -20.65 0.36
CA ARG A 147 1.73 -22.08 0.27
C ARG A 147 0.25 -22.38 0.50
N GLY A 148 -0.54 -21.32 0.67
CA GLY A 148 -1.97 -21.46 0.88
C GLY A 148 -2.36 -22.03 2.24
N GLU A 149 -1.45 -21.92 3.20
CA GLU A 149 -1.67 -22.45 4.56
C GLU A 149 -2.08 -21.36 5.55
N LYS A 150 -2.17 -20.12 5.07
CA LYS A 150 -2.57 -18.99 5.90
C LYS A 150 -3.23 -17.93 5.04
N ARG A 151 -4.14 -17.18 5.63
CA ARG A 151 -4.83 -16.13 4.89
C ARG A 151 -4.72 -14.80 5.62
N ILE A 152 -5.02 -13.72 4.92
CA ILE A 152 -4.93 -12.39 5.50
C ILE A 152 -6.30 -11.76 5.67
N PRO A 153 -6.62 -11.30 6.89
CA PRO A 153 -7.93 -10.67 7.09
C PRO A 153 -7.95 -9.36 6.31
N VAL A 154 -9.04 -9.10 5.60
CA VAL A 154 -9.14 -7.88 4.81
C VAL A 154 -10.47 -7.16 5.00
N ASN A 155 -10.46 -5.85 4.85
CA ASN A 155 -11.71 -5.11 5.00
C ASN A 155 -12.35 -4.92 3.64
N GLY A 156 -13.66 -4.69 3.64
CA GLY A 156 -14.37 -4.48 2.41
C GLY A 156 -14.68 -3.01 2.23
N LEU A 157 -15.22 -2.65 1.08
CA LEU A 157 -15.55 -1.25 0.82
C LEU A 157 -17.06 -1.07 0.70
N ILE A 158 -17.50 0.17 0.95
CA ILE A 158 -18.91 0.55 0.83
C ILE A 158 -18.87 2.01 0.36
N TRP A 159 -19.90 2.45 -0.33
CA TRP A 159 -19.96 3.82 -0.85
C TRP A 159 -21.16 4.60 -0.32
N MET A 160 -20.94 5.86 0.05
CA MET A 160 -22.03 6.71 0.56
C MET A 160 -23.16 6.89 -0.46
N GLY A 161 -24.33 6.36 -0.13
CA GLY A 161 -25.49 6.49 -1.03
C GLY A 161 -26.80 6.46 -0.27
N GLU A 162 -27.89 6.20 -0.99
CA GLU A 162 -29.21 6.15 -0.35
C GLU A 162 -29.23 5.13 0.79
N ALA A 163 -29.92 5.50 1.85
CA ALA A 163 -30.06 4.67 3.05
C ALA A 163 -30.34 3.18 2.81
N ALA A 164 -31.25 2.88 1.89
CA ALA A 164 -31.58 1.47 1.64
C ALA A 164 -30.52 0.73 0.83
N PHE A 165 -29.84 1.43 -0.08
CA PHE A 165 -28.81 0.79 -0.88
C PHE A 165 -27.58 0.53 0.00
N MET A 166 -27.30 1.46 0.91
CA MET A 166 -26.18 1.31 1.82
C MET A 166 -26.48 0.13 2.73
N GLN A 167 -27.74 -0.04 3.13
CA GLN A 167 -28.11 -1.15 3.96
C GLN A 167 -27.88 -2.42 3.14
N GLU A 168 -28.21 -2.34 1.85
CA GLU A 168 -28.04 -3.47 0.94
C GLU A 168 -26.58 -3.88 0.75
N GLN A 169 -25.69 -2.91 0.56
CA GLN A 169 -24.28 -3.22 0.36
C GLN A 169 -23.73 -3.89 1.62
N ILE A 170 -24.08 -3.33 2.78
CA ILE A 170 -23.63 -3.85 4.06
C ILE A 170 -24.10 -5.29 4.23
N GLU A 171 -25.37 -5.54 3.94
CA GLU A 171 -25.91 -6.88 4.05
C GLU A 171 -25.10 -7.80 3.15
N ALA A 172 -24.76 -7.31 1.97
CA ALA A 172 -23.98 -8.07 1.00
C ALA A 172 -22.62 -8.49 1.57
N LYS A 173 -21.87 -7.52 2.08
CA LYS A 173 -20.54 -7.75 2.65
C LYS A 173 -20.55 -8.68 3.86
N LEU A 174 -21.54 -8.52 4.73
CA LEU A 174 -21.65 -9.37 5.91
C LEU A 174 -21.90 -10.79 5.46
N ALA A 175 -22.76 -10.96 4.46
CA ALA A 175 -23.06 -12.28 3.93
C ALA A 175 -21.80 -12.83 3.28
N GLU A 176 -20.94 -11.94 2.79
CA GLU A 176 -19.69 -12.32 2.14
C GLU A 176 -18.61 -12.66 3.15
N GLY A 177 -18.86 -12.36 4.43
CA GLY A 177 -17.88 -12.67 5.45
C GLY A 177 -17.08 -11.52 6.04
N TYR A 178 -17.23 -10.32 5.49
CA TYR A 178 -16.50 -9.17 6.02
C TYR A 178 -17.01 -8.73 7.37
N GLY A 179 -16.11 -8.28 8.23
CA GLY A 179 -16.49 -7.82 9.55
C GLY A 179 -16.05 -6.38 9.72
N CYS A 180 -15.30 -5.89 8.74
CA CYS A 180 -14.79 -4.53 8.74
C CYS A 180 -14.98 -3.89 7.37
N LEU A 181 -15.56 -2.69 7.34
CA LEU A 181 -15.81 -2.01 6.07
C LEU A 181 -15.28 -0.59 6.07
N LYS A 182 -14.73 -0.18 4.94
CA LYS A 182 -14.18 1.16 4.77
C LYS A 182 -15.17 2.01 3.99
N LEU A 183 -15.39 3.23 4.46
CA LEU A 183 -16.30 4.16 3.83
C LEU A 183 -15.64 5.53 3.69
N LYS A 184 -15.65 6.07 2.48
CA LYS A 184 -15.06 7.39 2.24
C LYS A 184 -16.08 8.49 2.52
N ILE A 185 -15.70 9.46 3.34
CA ILE A 185 -16.61 10.56 3.67
C ILE A 185 -16.02 11.87 3.16
N ASP A 189 -22.39 18.68 2.90
CA ASP A 189 -22.29 17.24 2.70
C ASP A 189 -22.33 16.43 4.00
N PHE A 190 -21.58 16.89 5.02
CA PHE A 190 -21.46 16.21 6.30
C PHE A 190 -22.75 15.81 7.05
N ASP A 191 -23.71 16.72 7.17
CA ASP A 191 -24.94 16.39 7.87
C ASP A 191 -25.61 15.15 7.28
N LYS A 192 -25.63 15.07 5.96
CA LYS A 192 -26.23 13.93 5.29
C LYS A 192 -25.47 12.68 5.71
N GLU A 193 -24.14 12.78 5.68
CA GLU A 193 -23.26 11.68 6.04
C GLU A 193 -23.46 11.20 7.48
N CYS A 194 -23.51 12.13 8.43
CA CYS A 194 -23.72 11.72 9.82
C CYS A 194 -25.06 11.00 9.95
N ALA A 195 -26.11 11.58 9.40
CA ALA A 195 -27.43 10.95 9.48
C ALA A 195 -27.36 9.53 8.92
N LEU A 196 -26.64 9.37 7.82
CA LEU A 196 -26.52 8.05 7.20
C LEU A 196 -25.78 7.09 8.10
N LEU A 197 -24.76 7.62 8.80
CA LEU A 197 -23.98 6.80 9.73
C LEU A 197 -24.89 6.42 10.89
N ALA A 198 -25.73 7.36 11.33
CA ALA A 198 -26.65 7.06 12.42
C ALA A 198 -27.57 5.95 11.93
N GLY A 199 -28.03 6.07 10.68
CA GLY A 199 -28.90 5.07 10.11
C GLY A 199 -28.23 3.71 10.12
N ILE A 200 -26.97 3.67 9.70
CA ILE A 200 -26.23 2.42 9.68
C ILE A 200 -26.15 1.79 11.08
N ARG A 201 -25.85 2.61 12.08
CA ARG A 201 -25.73 2.08 13.43
C ARG A 201 -27.01 1.59 14.11
N GLU A 202 -28.16 1.88 13.54
CA GLU A 202 -29.42 1.43 14.13
C GLU A 202 -29.66 -0.01 13.71
N SER A 203 -29.07 -0.39 12.57
CA SER A 203 -29.24 -1.74 12.05
C SER A 203 -28.00 -2.62 12.25
N PHE A 204 -26.85 -1.97 12.43
CA PHE A 204 -25.60 -2.71 12.62
C PHE A 204 -24.75 -2.17 13.76
N SER A 205 -24.58 -2.99 14.80
CA SER A 205 -23.80 -2.62 15.97
C SER A 205 -22.30 -2.67 15.66
N PRO A 206 -21.46 -2.05 16.51
CA PRO A 206 -20.02 -2.08 16.24
C PRO A 206 -19.43 -3.48 16.37
N GLN A 207 -19.94 -4.27 17.32
CA GLN A 207 -19.42 -5.62 17.51
C GLN A 207 -19.68 -6.44 16.25
N GLN A 208 -20.83 -6.20 15.62
CA GLN A 208 -21.21 -6.91 14.41
C GLN A 208 -20.55 -6.32 13.17
N LEU A 209 -20.30 -5.02 13.19
CA LEU A 209 -19.67 -4.34 12.06
C LEU A 209 -18.69 -3.24 12.46
N GLU A 210 -17.45 -3.37 12.00
CA GLU A 210 -16.42 -2.38 12.29
C GLU A 210 -16.36 -1.43 11.11
N ILE A 211 -16.36 -0.13 11.38
CA ILE A 211 -16.30 0.84 10.29
C ILE A 211 -15.13 1.81 10.40
N ARG A 212 -14.38 1.93 9.31
CA ARG A 212 -13.27 2.86 9.24
C ARG A 212 -13.72 3.88 8.20
N VAL A 213 -13.54 5.16 8.47
CA VAL A 213 -13.95 6.15 7.49
C VAL A 213 -12.72 6.85 6.94
N ASP A 214 -12.79 7.27 5.69
CA ASP A 214 -11.66 7.92 5.06
C ASP A 214 -12.05 9.30 4.55
N ALA A 215 -11.40 10.32 5.13
CA ALA A 215 -11.70 11.71 4.77
C ALA A 215 -10.84 12.29 3.65
N ASN A 216 -9.67 11.69 3.42
CA ASN A 216 -8.75 12.18 2.39
C ASN A 216 -8.55 13.69 2.45
N GLY A 217 -8.13 14.19 3.62
CA GLY A 217 -7.89 15.60 3.82
C GLY A 217 -9.06 16.53 3.53
N ALA A 218 -10.27 16.00 3.52
CA ALA A 218 -11.46 16.80 3.24
C ALA A 218 -11.76 17.88 4.29
N PHE A 219 -11.60 17.54 5.56
CA PHE A 219 -11.88 18.52 6.62
C PHE A 219 -10.87 19.66 6.62
N SER A 220 -11.22 20.73 7.32
CA SER A 220 -10.34 21.89 7.46
C SER A 220 -9.91 21.89 8.92
N PRO A 221 -8.79 22.56 9.25
CA PRO A 221 -8.38 22.58 10.66
C PRO A 221 -9.47 23.22 11.52
N ALA A 222 -10.33 24.00 10.89
CA ALA A 222 -11.42 24.67 11.59
C ALA A 222 -12.58 23.75 11.98
N ASN A 223 -13.24 23.14 10.99
CA ASN A 223 -14.36 22.25 11.29
C ASN A 223 -13.98 20.84 11.76
N ALA A 224 -12.70 20.49 11.64
CA ALA A 224 -12.24 19.16 12.03
C ALA A 224 -12.56 18.71 13.46
N PRO A 225 -12.14 19.48 14.47
CA PRO A 225 -12.40 19.11 15.87
C PRO A 225 -13.87 18.76 16.13
N GLN A 226 -14.75 19.70 15.84
CA GLN A 226 -16.17 19.45 16.07
C GLN A 226 -16.63 18.23 15.29
N ARG A 227 -16.22 18.12 14.02
CA ARG A 227 -16.61 16.97 13.21
C ARG A 227 -16.12 15.63 13.79
N LEU A 228 -14.91 15.62 14.38
CA LEU A 228 -14.36 14.41 14.97
C LEU A 228 -15.15 14.04 16.22
N LYS A 229 -15.69 15.05 16.90
CA LYS A 229 -16.49 14.78 18.08
C LYS A 229 -17.78 14.15 17.58
N ARG A 230 -18.36 14.77 16.56
CA ARG A 230 -19.60 14.32 15.94
C ARG A 230 -19.51 12.88 15.42
N LEU A 231 -18.40 12.54 14.79
CA LEU A 231 -18.23 11.19 14.26
C LEU A 231 -17.93 10.14 15.32
N SER A 232 -17.24 10.55 16.38
CA SER A 232 -16.87 9.63 17.45
C SER A 232 -18.07 8.95 18.08
N GLN A 233 -19.26 9.51 17.90
CA GLN A 233 -20.47 8.93 18.49
C GLN A 233 -21.05 7.75 17.71
N PHE A 234 -20.40 7.38 16.63
CA PHE A 234 -20.87 6.27 15.82
C PHE A 234 -19.99 5.05 16.06
N HIS A 235 -19.09 5.17 17.02
CA HIS A 235 -18.22 4.06 17.37
C HIS A 235 -17.47 3.52 16.16
N LEU A 236 -16.66 4.39 15.57
CA LEU A 236 -15.87 4.04 14.40
C LEU A 236 -14.46 3.63 14.83
N HIS A 237 -13.82 2.79 14.03
CA HIS A 237 -12.47 2.32 14.35
C HIS A 237 -11.47 3.47 14.24
N SER A 238 -11.57 4.23 13.16
CA SER A 238 -10.65 5.34 12.95
C SER A 238 -11.06 6.19 11.76
N ILE A 239 -10.46 7.36 11.66
CA ILE A 239 -10.70 8.22 10.52
C ILE A 239 -9.35 8.46 9.86
N GLU A 240 -9.30 8.31 8.55
CA GLU A 240 -8.06 8.45 7.82
C GLU A 240 -7.81 9.85 7.24
N GLN A 241 -6.64 10.40 7.55
CA GLN A 241 -6.21 11.71 7.05
C GLN A 241 -7.34 12.75 7.03
N PRO A 242 -7.78 13.19 8.22
CA PRO A 242 -8.86 14.17 8.38
C PRO A 242 -8.63 15.43 7.55
N ILE A 243 -7.48 16.05 7.76
CA ILE A 243 -7.13 17.27 7.05
C ILE A 243 -5.97 17.03 6.07
N ARG A 244 -5.76 17.96 5.14
CA ARG A 244 -4.68 17.83 4.16
C ARG A 244 -3.32 17.71 4.83
N GLN A 245 -2.42 16.98 4.18
CA GLN A 245 -1.07 16.79 4.71
C GLN A 245 -0.32 18.11 4.80
N HIS A 246 0.87 18.05 5.39
CA HIS A 246 1.76 19.19 5.57
C HIS A 246 1.28 20.21 6.58
N GLN A 247 0.40 19.79 7.48
CA GLN A 247 -0.12 20.66 8.53
C GLN A 247 0.10 19.94 9.86
N TRP A 248 1.36 19.65 10.16
CA TRP A 248 1.72 18.94 11.39
C TRP A 248 1.12 19.49 12.65
N SER A 249 1.28 20.79 12.89
CA SER A 249 0.74 21.39 14.11
C SER A 249 -0.76 21.22 14.25
N GLU A 250 -1.50 21.41 13.16
CA GLU A 250 -2.93 21.25 13.24
C GLU A 250 -3.28 19.79 13.48
N MET A 251 -2.61 18.90 12.77
CA MET A 251 -2.88 17.47 12.91
C MET A 251 -2.54 16.96 14.32
N ALA A 252 -1.45 17.46 14.89
CA ALA A 252 -1.05 17.02 16.22
C ALA A 252 -2.13 17.39 17.23
N ALA A 253 -2.76 18.54 17.03
CA ALA A 253 -3.81 18.98 17.96
C ALA A 253 -5.04 18.11 17.76
N LEU A 254 -5.29 17.69 16.53
CA LEU A 254 -6.44 16.83 16.26
C LEU A 254 -6.23 15.47 16.90
N CYS A 255 -5.01 14.94 16.79
CA CYS A 255 -4.72 13.62 17.35
C CYS A 255 -4.66 13.64 18.87
N ALA A 256 -4.46 14.83 19.44
CA ALA A 256 -4.37 14.98 20.89
C ALA A 256 -5.71 15.18 21.57
N ASN A 257 -6.68 15.73 20.84
CA ASN A 257 -8.00 16.00 21.42
C ASN A 257 -9.15 15.13 20.94
N SER A 258 -8.98 14.51 19.78
CA SER A 258 -10.02 13.68 19.20
C SER A 258 -10.29 12.36 19.91
N PRO A 259 -11.57 12.09 20.19
CA PRO A 259 -11.92 10.83 20.86
C PRO A 259 -11.95 9.70 19.80
N LEU A 260 -11.78 10.10 18.54
CA LEU A 260 -11.77 9.17 17.40
C LEU A 260 -10.32 9.02 16.92
N ALA A 261 -9.80 7.80 16.93
CA ALA A 261 -8.43 7.52 16.52
C ALA A 261 -8.15 8.03 15.11
N ILE A 262 -6.95 8.55 14.91
CA ILE A 262 -6.60 9.07 13.59
C ILE A 262 -5.47 8.27 12.95
N ALA A 263 -5.68 7.93 11.68
CA ALA A 263 -4.70 7.18 10.90
C ALA A 263 -4.19 8.05 9.76
N LEU A 264 -2.87 8.20 9.68
CA LEU A 264 -2.25 9.00 8.63
C LEU A 264 -1.96 8.15 7.39
N ASP A 265 -2.10 8.76 6.22
CA ASP A 265 -1.86 8.07 4.95
C ASP A 265 -0.96 8.96 4.09
N GLU A 266 -1.58 9.97 3.46
CA GLU A 266 -0.88 10.90 2.61
C GLU A 266 0.28 11.59 3.34
N GLU A 267 0.14 11.77 4.64
CA GLU A 267 1.16 12.46 5.44
C GLU A 267 2.57 11.86 5.30
N LEU A 268 2.66 10.56 5.07
CA LEU A 268 3.95 9.88 4.95
C LEU A 268 4.69 10.10 3.64
N ILE A 269 3.95 10.37 2.57
CA ILE A 269 4.54 10.56 1.25
C ILE A 269 5.60 11.65 1.12
N GLY A 270 6.75 11.29 0.57
CA GLY A 270 7.82 12.25 0.38
C GLY A 270 8.75 12.45 1.56
N LEU A 271 8.38 11.94 2.73
CA LEU A 271 9.23 12.09 3.92
C LEU A 271 10.37 11.09 3.91
N GLY A 272 11.57 11.54 4.24
CA GLY A 272 12.69 10.62 4.25
C GLY A 272 13.65 10.79 5.42
N ALA A 273 14.35 9.72 5.73
CA ALA A 273 15.32 9.72 6.82
C ALA A 273 14.69 10.31 8.08
N GLU A 274 15.42 11.23 8.73
CA GLU A 274 14.95 11.85 9.96
C GLU A 274 13.59 12.54 9.87
N GLN A 275 13.15 12.91 8.68
CA GLN A 275 11.85 13.56 8.53
C GLN A 275 10.73 12.65 8.97
N ARG A 276 10.95 11.34 8.84
CA ARG A 276 9.93 10.37 9.20
C ARG A 276 9.68 10.34 10.70
N SER A 277 10.75 10.21 11.48
CA SER A 277 10.59 10.19 12.93
C SER A 277 10.09 11.54 13.42
N ALA A 278 10.56 12.62 12.81
CA ALA A 278 10.13 13.95 13.19
C ALA A 278 8.62 14.08 13.05
N MET A 279 8.06 13.59 11.95
CA MET A 279 6.63 13.68 11.74
C MET A 279 5.85 12.88 12.78
N LEU A 280 6.30 11.66 13.08
CA LEU A 280 5.64 10.81 14.06
C LEU A 280 5.75 11.38 15.47
N ASP A 281 6.91 11.93 15.79
CA ASP A 281 7.13 12.52 17.11
C ASP A 281 6.24 13.74 17.30
N ALA A 282 6.08 14.53 16.25
CA ALA A 282 5.28 15.74 16.29
C ALA A 282 3.78 15.52 16.31
N ILE A 283 3.28 14.59 15.50
CA ILE A 283 1.85 14.37 15.42
C ILE A 283 1.32 13.31 16.37
N ARG A 284 2.16 12.32 16.68
CA ARG A 284 1.76 11.23 17.57
C ARG A 284 0.40 10.65 17.18
N PRO A 285 0.27 10.18 15.93
CA PRO A 285 -0.97 9.58 15.44
C PRO A 285 -1.25 8.25 16.11
N GLN A 286 -2.51 7.80 16.04
CA GLN A 286 -2.86 6.51 16.62
C GLN A 286 -2.43 5.42 15.64
N TYR A 287 -2.53 5.72 14.35
CA TYR A 287 -2.17 4.75 13.31
C TYR A 287 -1.51 5.41 12.11
N ILE A 288 -0.85 4.60 11.30
CA ILE A 288 -0.27 5.04 10.04
C ILE A 288 -0.65 3.91 9.09
N ILE A 289 -0.89 4.26 7.84
CA ILE A 289 -1.30 3.29 6.82
C ILE A 289 -0.17 3.21 5.80
N LEU A 290 0.35 2.00 5.58
CA LEU A 290 1.45 1.81 4.65
C LEU A 290 1.03 1.36 3.25
N LYS A 291 1.38 2.17 2.25
CA LYS A 291 1.09 1.85 0.85
C LYS A 291 2.46 1.83 0.17
N PRO A 292 3.09 0.64 0.10
CA PRO A 292 4.42 0.50 -0.51
C PRO A 292 4.74 1.22 -1.82
N SER A 293 3.86 1.17 -2.81
CA SER A 293 4.19 1.85 -4.05
C SER A 293 4.34 3.36 -3.91
N LEU A 294 3.64 3.95 -2.95
CA LEU A 294 3.74 5.40 -2.75
C LEU A 294 4.93 5.78 -1.89
N LEU A 295 5.41 4.83 -1.11
CA LEU A 295 6.52 5.06 -0.20
C LEU A 295 7.89 4.65 -0.73
N GLY A 296 7.92 3.99 -1.88
CA GLY A 296 9.19 3.59 -2.41
C GLY A 296 9.53 2.13 -2.19
N GLY A 297 8.56 1.34 -1.75
CA GLY A 297 8.80 -0.06 -1.54
C GLY A 297 8.72 -0.66 -0.15
N PHE A 298 9.00 -1.96 -0.10
CA PHE A 298 8.96 -2.73 1.13
C PHE A 298 10.05 -2.39 2.13
N HIS A 299 11.24 -2.09 1.64
CA HIS A 299 12.35 -1.72 2.51
C HIS A 299 11.96 -0.47 3.29
N TYR A 300 11.46 0.53 2.59
CA TYR A 300 11.07 1.77 3.23
C TYR A 300 9.78 1.62 4.04
N ALA A 301 8.82 0.84 3.55
CA ALA A 301 7.59 0.66 4.30
C ALA A 301 7.90 -0.12 5.58
N GLY A 302 8.88 -1.01 5.49
CA GLY A 302 9.28 -1.78 6.66
C GLY A 302 9.93 -0.88 7.68
N GLN A 303 10.69 0.12 7.23
CA GLN A 303 11.33 1.03 8.17
C GLN A 303 10.26 1.87 8.84
N TRP A 304 9.22 2.23 8.12
CA TRP A 304 8.14 3.02 8.70
C TRP A 304 7.49 2.22 9.82
N ILE A 305 7.30 0.92 9.59
CA ILE A 305 6.68 0.05 10.58
C ILE A 305 7.49 -0.03 11.86
N GLU A 306 8.81 -0.09 11.72
CA GLU A 306 9.66 -0.16 12.89
C GLU A 306 9.62 1.16 13.64
N LEU A 307 9.48 2.26 12.91
CA LEU A 307 9.41 3.57 13.55
C LEU A 307 8.13 3.65 14.35
N ALA A 308 7.04 3.13 13.79
CA ALA A 308 5.75 3.14 14.47
C ALA A 308 5.80 2.23 15.69
N ARG A 309 6.33 1.02 15.52
CA ARG A 309 6.43 0.08 16.62
C ARG A 309 7.20 0.66 17.80
N GLU A 310 8.29 1.37 17.49
CA GLU A 310 9.14 1.98 18.52
C GLU A 310 8.40 3.02 19.35
N ARG A 311 7.34 3.58 18.78
CA ARG A 311 6.56 4.62 19.43
C ARG A 311 5.15 4.19 19.83
N GLY A 312 4.87 2.90 19.73
CA GLY A 312 3.55 2.41 20.10
C GLY A 312 2.44 2.87 19.18
N ILE A 313 2.78 3.12 17.92
CA ILE A 313 1.80 3.57 16.94
C ILE A 313 1.34 2.36 16.13
N GLY A 314 0.03 2.23 15.93
CA GLY A 314 -0.50 1.11 15.21
C GLY A 314 -0.32 1.26 13.71
N PHE A 315 -0.66 0.23 12.96
CA PHE A 315 -0.49 0.32 11.52
C PHE A 315 -1.15 -0.83 10.77
N TRP A 316 -1.39 -0.61 9.48
CA TRP A 316 -1.90 -1.66 8.63
C TRP A 316 -1.44 -1.32 7.21
N ILE A 317 -1.44 -2.32 6.35
CA ILE A 317 -0.96 -2.13 5.00
C ILE A 317 -2.12 -2.13 4.02
N THR A 318 -2.00 -1.35 2.96
CA THR A 318 -3.08 -1.31 1.96
C THR A 318 -2.53 -1.21 0.57
N SER A 319 -3.36 -1.56 -0.39
CA SER A 319 -2.99 -1.51 -1.79
C SER A 319 -3.17 -0.07 -2.26
N ALA A 320 -2.62 0.24 -3.43
CA ALA A 320 -2.75 1.58 -3.99
C ALA A 320 -3.06 1.48 -5.48
N LEU A 321 -4.09 0.70 -5.79
CA LEU A 321 -4.55 0.55 -7.17
C LEU A 321 -3.62 -0.21 -8.11
N GLU A 322 -2.67 -0.97 -7.57
CA GLU A 322 -1.77 -1.72 -8.43
C GLU A 322 -2.49 -2.87 -9.14
N SER A 323 -1.86 -3.45 -10.16
CA SER A 323 -2.47 -4.56 -10.87
C SER A 323 -2.29 -5.76 -9.93
N ASN A 324 -2.79 -6.92 -10.35
CA ASN A 324 -2.68 -8.11 -9.52
C ASN A 324 -1.23 -8.53 -9.28
N LEU A 325 -0.29 -8.01 -10.06
CA LEU A 325 1.13 -8.37 -9.85
C LEU A 325 1.56 -7.67 -8.57
N GLY A 326 1.40 -6.35 -8.55
CA GLY A 326 1.77 -5.59 -7.39
C GLY A 326 0.96 -5.99 -6.17
N LEU A 327 -0.31 -6.33 -6.37
CA LEU A 327 -1.16 -6.73 -5.26
C LEU A 327 -0.62 -8.01 -4.62
N ALA A 328 -0.19 -8.96 -5.45
CA ALA A 328 0.33 -10.22 -4.94
C ALA A 328 1.60 -9.97 -4.12
N ALA A 329 2.47 -9.11 -4.62
CA ALA A 329 3.72 -8.82 -3.93
C ALA A 329 3.44 -8.19 -2.58
N ILE A 330 2.50 -7.25 -2.55
CA ILE A 330 2.16 -6.55 -1.31
C ILE A 330 1.50 -7.50 -0.31
N ALA A 331 0.67 -8.40 -0.82
CA ALA A 331 0.00 -9.34 0.07
C ALA A 331 1.02 -10.31 0.66
N GLN A 332 1.98 -10.75 -0.15
CA GLN A 332 2.98 -11.67 0.34
C GLN A 332 3.84 -11.02 1.42
N TRP A 333 4.10 -9.73 1.27
CA TRP A 333 4.91 -8.99 2.24
C TRP A 333 4.10 -8.81 3.52
N THR A 334 2.85 -8.40 3.35
CA THR A 334 1.96 -8.17 4.48
C THR A 334 1.83 -9.41 5.35
N ALA A 335 1.74 -10.56 4.70
CA ALA A 335 1.60 -11.82 5.41
C ALA A 335 2.72 -12.11 6.38
N LEU A 336 3.89 -11.52 6.13
CA LEU A 336 5.06 -11.72 6.98
C LEU A 336 4.86 -11.11 8.37
N TYR A 337 4.02 -10.08 8.43
CA TYR A 337 3.75 -9.41 9.69
C TYR A 337 2.64 -10.07 10.49
N GLN A 338 2.12 -11.17 9.95
CA GLN A 338 1.05 -11.91 10.61
C GLN A 338 0.04 -10.97 11.26
N PRO A 339 -0.68 -10.20 10.43
CA PRO A 339 -1.69 -9.25 10.87
C PRO A 339 -2.92 -9.89 11.48
N THR A 340 -3.43 -9.26 12.54
CA THR A 340 -4.62 -9.74 13.21
C THR A 340 -5.77 -8.81 12.84
N MET A 341 -5.43 -7.57 12.52
CA MET A 341 -6.46 -6.61 12.14
C MET A 341 -6.59 -6.60 10.63
N PRO A 342 -7.78 -6.24 10.13
CA PRO A 342 -8.01 -6.20 8.68
C PRO A 342 -7.04 -5.29 7.92
N GLN A 343 -6.55 -5.79 6.79
CA GLN A 343 -5.61 -5.05 5.95
C GLN A 343 -6.34 -4.56 4.69
N GLY A 344 -5.86 -3.46 4.11
CA GLY A 344 -6.49 -2.94 2.91
C GLY A 344 -6.10 -3.63 1.62
N LEU A 345 -6.26 -4.95 1.58
CA LEU A 345 -5.90 -5.71 0.39
C LEU A 345 -7.12 -6.45 -0.15
N GLY A 346 -6.89 -7.39 -1.05
CA GLY A 346 -8.02 -8.12 -1.59
C GLY A 346 -8.26 -7.79 -3.04
N THR A 347 -8.78 -8.75 -3.78
CA THR A 347 -9.05 -8.57 -5.20
C THR A 347 -10.16 -7.55 -5.39
N GLY A 348 -9.99 -6.72 -6.42
CA GLY A 348 -10.96 -5.69 -6.70
C GLY A 348 -11.02 -5.48 -8.19
N GLN A 349 -11.92 -6.18 -8.86
CA GLN A 349 -12.04 -6.03 -10.30
C GLN A 349 -12.28 -4.57 -10.65
N LEU A 350 -11.21 -3.79 -10.81
CA LEU A 350 -11.37 -2.38 -11.16
C LEU A 350 -11.01 -2.14 -12.61
N TYR A 351 -10.21 -3.04 -13.20
CA TYR A 351 -9.76 -2.85 -14.56
C TYR A 351 -10.28 -3.84 -15.60
N THR A 352 -10.20 -3.46 -16.86
CA THR A 352 -10.65 -4.32 -17.94
C THR A 352 -9.54 -5.24 -18.41
N ASN A 353 -8.30 -4.85 -18.10
CA ASN A 353 -7.12 -5.58 -18.54
C ASN A 353 -6.11 -5.90 -17.44
N ASN A 354 -6.60 -6.39 -16.30
CA ASN A 354 -5.71 -6.73 -15.20
C ASN A 354 -4.96 -8.01 -15.56
N LEU A 355 -4.00 -8.41 -14.73
CA LEU A 355 -3.26 -9.62 -15.02
C LEU A 355 -3.96 -10.80 -14.36
N PRO A 356 -3.98 -11.96 -15.02
CA PRO A 356 -4.64 -13.11 -14.39
C PRO A 356 -3.90 -13.40 -13.09
N SER A 357 -4.62 -13.77 -12.04
CA SER A 357 -3.98 -14.07 -10.76
C SER A 357 -4.72 -15.16 -10.02
N ASN A 358 -4.04 -15.75 -9.04
CA ASN A 358 -4.60 -16.81 -8.25
C ASN A 358 -5.10 -16.32 -6.89
N LEU A 359 -5.16 -14.99 -6.75
CA LEU A 359 -5.61 -14.38 -5.51
C LEU A 359 -7.13 -14.42 -5.41
N ALA A 360 -7.64 -14.75 -4.23
CA ALA A 360 -9.08 -14.80 -4.03
C ALA A 360 -9.47 -14.35 -2.62
N VAL A 361 -10.66 -13.77 -2.50
CA VAL A 361 -11.15 -13.32 -1.21
C VAL A 361 -12.48 -13.99 -0.90
N ASP A 362 -12.57 -14.64 0.26
CA ASP A 362 -13.79 -15.30 0.70
C ASP A 362 -13.81 -15.40 2.21
N GLY A 363 -14.91 -14.96 2.82
CA GLY A 363 -14.99 -14.97 4.27
C GLY A 363 -14.19 -13.83 4.88
N GLY A 364 -13.91 -12.81 4.07
CA GLY A 364 -13.14 -11.67 4.54
C GLY A 364 -11.67 -12.00 4.77
N LEU A 365 -11.18 -13.00 4.06
CA LEU A 365 -9.79 -13.42 4.19
C LEU A 365 -9.19 -13.57 2.79
N LEU A 366 -7.99 -13.03 2.61
CA LEU A 366 -7.32 -13.08 1.32
C LEU A 366 -6.33 -14.24 1.29
N GLY A 367 -6.41 -15.06 0.24
CA GLY A 367 -5.50 -16.18 0.12
C GLY A 367 -5.20 -16.51 -1.33
N VAL A 368 -4.38 -17.53 -1.56
CA VAL A 368 -4.02 -17.93 -2.92
C VAL A 368 -4.85 -19.15 -3.37
#